data_8H78
#
_entry.id   8H78
#
_cell.length_a   79.683
_cell.length_b   79.683
_cell.length_c   127.434
_cell.angle_alpha   90.00
_cell.angle_beta   90.00
_cell.angle_gamma   90.00
#
_symmetry.space_group_name_H-M   'I 41'
#
loop_
_entity.id
_entity.type
_entity.pdbx_description
1 polymer 'Matrix metalloproteinase-2'
2 non-polymer 'ZINC ION'
3 non-polymer 'CALCIUM ION'
4 non-polymer 'DIHYDROGENPHOSPHATE ION'
5 non-polymer '(2~{R})-2-[[4-[(4-aminocarbonylphenyl)carbonylamino]phenyl]sulfonylamino]-5-[(2~{S},4~{S})-4-azanyl-2-[[(2~{S})-1-[[(2~{S})-1-[(5-azanyl-5-oxidanylidene-pentyl)amino]-5-oxidanyl-1,5-bis(oxidanylidene)pentan-2-yl]-methyl-amino]-4-methyl-1-oxidanylidene-pentan-2-yl]carbamoyl]pyrrolidin-1-yl]-5-oxidanylidene-pentanoic acid'
6 water water
#
_entity_poly.entity_id   1
_entity_poly.type   'polypeptide(L)'
_entity_poly.pdbx_seq_one_letter_code
;MYNFFPRKPKWDKNQITYRIIGYTPDLAPETVDDAFARAFQVWSDVTPLRFSRIYDGEADIMINFGRWEHGDGYPFDGKD
GLLAHAFAPGTGVGGDSHFDDDELWTLGKGVGYSLFLVAAHAFGHAMGLEHSQDPGALMAPIYTYTKNFRLSQDDIKGIQ
ELYGASPD
;
_entity_poly.pdbx_strand_id   A,B
#
# COMPACT_ATOMS: atom_id res chain seq x y z
N MET A 1 -6.76 -7.27 -35.05
CA MET A 1 -5.39 -6.75 -34.74
C MET A 1 -5.43 -5.83 -33.50
N TYR A 2 -4.33 -5.11 -33.25
CA TYR A 2 -4.13 -4.13 -32.14
C TYR A 2 -5.14 -2.97 -32.19
N ASN A 3 -5.39 -2.40 -31.00
CA ASN A 3 -6.37 -1.30 -30.75
C ASN A 3 -5.79 -0.35 -29.69
N PHE A 4 -6.20 0.92 -29.75
CA PHE A 4 -5.83 2.02 -28.83
C PHE A 4 -7.12 2.62 -28.21
N PHE A 5 -6.95 3.58 -27.30
CA PHE A 5 -8.07 4.36 -26.70
C PHE A 5 -8.64 5.31 -27.74
N PRO A 6 -9.92 5.69 -27.60
CA PRO A 6 -10.58 6.55 -28.57
C PRO A 6 -9.75 7.68 -29.22
N ARG A 7 -9.04 8.49 -28.43
CA ARG A 7 -8.31 9.65 -29.00
C ARG A 7 -6.85 9.25 -29.26
N LYS A 8 -6.54 7.95 -29.24
CA LYS A 8 -5.18 7.39 -29.49
C LYS A 8 -4.13 8.05 -28.58
N PRO A 9 -4.34 8.15 -27.24
CA PRO A 9 -3.44 8.90 -26.37
C PRO A 9 -2.12 8.14 -26.23
N LYS A 10 -1.05 8.89 -25.98
CA LYS A 10 0.34 8.37 -25.94
C LYS A 10 1.18 9.31 -25.09
N TRP A 11 2.29 8.82 -24.56
CA TRP A 11 3.27 9.64 -23.81
C TRP A 11 3.98 10.55 -24.82
N ASP A 12 4.18 11.82 -24.47
CA ASP A 12 4.95 12.83 -25.27
C ASP A 12 6.47 12.68 -25.05
N LYS A 13 6.91 11.63 -24.35
CA LYS A 13 8.32 11.37 -23.95
C LYS A 13 8.60 9.86 -23.81
N ASN A 14 9.85 9.46 -24.06
CA ASN A 14 10.37 8.07 -24.03
C ASN A 14 10.82 7.65 -22.63
N GLN A 15 11.28 8.63 -21.86
CA GLN A 15 11.72 8.45 -20.45
C GLN A 15 10.46 8.50 -19.59
N ILE A 16 9.98 7.33 -19.14
CA ILE A 16 8.80 7.24 -18.24
C ILE A 16 9.28 6.92 -16.82
N THR A 17 8.49 7.30 -15.83
CA THR A 17 8.82 7.28 -14.39
C THR A 17 7.71 6.53 -13.62
N TYR A 18 8.09 5.57 -12.77
CA TYR A 18 7.13 4.77 -11.96
C TYR A 18 7.51 4.69 -10.47
N ARG A 19 6.49 4.66 -9.61
CA ARG A 19 6.64 4.58 -8.15
C ARG A 19 5.67 3.56 -7.56
N ILE A 20 6.17 2.67 -6.69
CA ILE A 20 5.32 1.65 -6.02
C ILE A 20 4.92 2.21 -4.65
N ILE A 21 3.68 2.67 -4.51
CA ILE A 21 3.14 3.28 -3.26
C ILE A 21 2.91 2.17 -2.24
N GLY A 22 2.29 1.07 -2.68
CA GLY A 22 1.90 -0.05 -1.80
C GLY A 22 2.28 -1.40 -2.37
N TYR A 23 2.40 -2.38 -1.48
CA TYR A 23 2.69 -3.79 -1.80
C TYR A 23 1.50 -4.68 -1.46
N THR A 24 1.54 -5.92 -1.97
CA THR A 24 0.69 -7.06 -1.53
C THR A 24 1.49 -7.89 -0.54
N PRO A 25 0.85 -8.39 0.53
CA PRO A 25 1.49 -9.35 1.41
C PRO A 25 1.71 -10.70 0.71
N ASP A 26 1.01 -10.97 -0.39
CA ASP A 26 1.00 -12.32 -1.02
C ASP A 26 2.38 -12.67 -1.55
N LEU A 27 3.20 -11.65 -1.87
CA LEU A 27 4.57 -11.85 -2.42
C LEU A 27 5.57 -10.99 -1.66
N ALA A 28 6.81 -11.48 -1.58
CA ALA A 28 7.96 -10.78 -0.98
C ALA A 28 8.18 -9.43 -1.68
N PRO A 29 8.41 -8.34 -0.94
CA PRO A 29 8.53 -7.00 -1.56
C PRO A 29 9.52 -6.99 -2.74
N GLU A 30 10.65 -7.65 -2.56
CA GLU A 30 11.72 -7.74 -3.57
C GLU A 30 11.14 -8.40 -4.84
N THR A 31 10.28 -9.40 -4.66
CA THR A 31 9.72 -10.26 -5.73
C THR A 31 8.63 -9.50 -6.46
N VAL A 32 7.89 -8.66 -5.74
CA VAL A 32 6.96 -7.66 -6.33
C VAL A 32 7.76 -6.72 -7.24
N ASP A 33 8.83 -6.09 -6.76
CA ASP A 33 9.66 -5.10 -7.52
C ASP A 33 10.19 -5.75 -8.82
N ASP A 34 10.61 -7.00 -8.74
CA ASP A 34 11.17 -7.74 -9.89
C ASP A 34 10.03 -8.00 -10.88
N ALA A 35 8.80 -8.20 -10.39
CA ALA A 35 7.63 -8.52 -11.22
C ALA A 35 7.23 -7.26 -11.98
N PHE A 36 7.13 -6.13 -11.28
CA PHE A 36 6.83 -4.81 -11.90
C PHE A 36 7.95 -4.44 -12.88
N ALA A 37 9.22 -4.70 -12.54
CA ALA A 37 10.35 -4.39 -13.44
C ALA A 37 10.21 -5.21 -14.73
N ARG A 38 10.06 -6.54 -14.58
CA ARG A 38 10.10 -7.49 -15.71
C ARG A 38 8.94 -7.20 -16.65
N ALA A 39 7.84 -6.72 -16.09
CA ALA A 39 6.61 -6.32 -16.82
C ALA A 39 6.92 -5.09 -17.67
N PHE A 40 7.57 -4.09 -17.09
CA PHE A 40 8.03 -2.88 -17.83
C PHE A 40 8.95 -3.30 -18.98
N GLN A 41 9.80 -4.31 -18.75
CA GLN A 41 10.87 -4.69 -19.70
C GLN A 41 10.28 -5.39 -20.93
N VAL A 42 9.13 -6.07 -20.84
CA VAL A 42 8.51 -6.73 -22.04
C VAL A 42 8.18 -5.65 -23.08
N TRP A 43 7.82 -4.44 -22.64
CA TRP A 43 7.50 -3.30 -23.53
C TRP A 43 8.78 -2.50 -23.89
N SER A 44 9.74 -2.40 -22.97
CA SER A 44 11.01 -1.64 -23.16
C SER A 44 11.90 -2.36 -24.19
N ASP A 45 11.69 -3.66 -24.32
CA ASP A 45 12.44 -4.58 -25.22
C ASP A 45 12.25 -4.20 -26.69
N VAL A 46 11.12 -3.57 -27.04
CA VAL A 46 10.62 -3.48 -28.45
C VAL A 46 10.27 -2.02 -28.77
N THR A 47 10.65 -1.10 -27.91
CA THR A 47 10.41 0.35 -28.11
C THR A 47 11.64 1.10 -27.62
N PRO A 48 11.64 2.44 -27.76
CA PRO A 48 12.63 3.29 -27.11
C PRO A 48 12.10 3.78 -25.75
N LEU A 49 11.14 3.04 -25.17
CA LEU A 49 10.51 3.39 -23.87
C LEU A 49 11.39 2.85 -22.74
N ARG A 50 11.75 3.72 -21.81
CA ARG A 50 12.64 3.41 -20.66
C ARG A 50 11.86 3.76 -19.39
N PHE A 51 11.77 2.80 -18.47
CA PHE A 51 11.02 2.96 -17.20
C PHE A 51 12.04 3.04 -16.07
N SER A 52 11.99 4.15 -15.36
CA SER A 52 12.91 4.43 -14.24
C SER A 52 12.07 4.70 -13.01
N ARG A 53 12.44 3.96 -11.96
CA ARG A 53 11.73 3.92 -10.67
C ARG A 53 12.15 5.11 -9.81
N ILE A 54 11.19 5.79 -9.19
CA ILE A 54 11.45 6.79 -8.12
C ILE A 54 10.73 6.32 -6.85
N TYR A 55 11.16 6.83 -5.69
CA TYR A 55 10.68 6.41 -4.36
C TYR A 55 9.94 7.55 -3.62
N ASP A 56 9.73 8.74 -4.22
CA ASP A 56 8.85 9.79 -3.61
C ASP A 56 8.30 10.76 -4.67
N GLY A 57 7.19 11.42 -4.35
CA GLY A 57 6.50 12.44 -5.16
C GLY A 57 5.87 11.86 -6.42
N GLU A 58 4.87 12.57 -6.98
CA GLU A 58 4.12 12.23 -8.22
C GLU A 58 5.08 11.68 -9.28
N ALA A 59 4.80 10.49 -9.79
CA ALA A 59 5.45 9.92 -11.00
C ALA A 59 4.39 9.82 -12.10
N ASP A 60 4.84 9.46 -13.30
CA ASP A 60 3.99 9.17 -14.49
C ASP A 60 3.01 8.05 -14.12
N ILE A 61 3.60 6.90 -13.80
CA ILE A 61 2.90 5.62 -13.49
C ILE A 61 3.05 5.32 -12.00
N MET A 62 2.04 5.74 -11.24
CA MET A 62 1.83 5.43 -9.81
C MET A 62 1.19 4.06 -9.72
N ILE A 63 1.93 3.13 -9.12
CA ILE A 63 1.48 1.75 -8.87
C ILE A 63 1.02 1.59 -7.41
N ASN A 64 -0.15 0.99 -7.25
CA ASN A 64 -0.62 0.61 -5.91
C ASN A 64 -1.46 -0.66 -6.01
N PHE A 65 -1.78 -1.20 -4.83
CA PHE A 65 -2.75 -2.28 -4.56
C PHE A 65 -3.85 -1.65 -3.71
N GLY A 66 -5.07 -2.11 -3.85
CA GLY A 66 -6.17 -1.68 -2.97
C GLY A 66 -7.34 -2.61 -3.17
N ARG A 67 -8.39 -2.44 -2.41
CA ARG A 67 -9.61 -3.24 -2.63
C ARG A 67 -10.82 -2.30 -2.55
N TRP A 68 -11.92 -2.76 -3.16
CA TRP A 68 -13.20 -2.02 -3.24
C TRP A 68 -12.89 -0.55 -3.57
N GLU A 69 -13.54 0.42 -2.92
CA GLU A 69 -13.25 1.86 -3.18
C GLU A 69 -11.85 2.17 -2.63
N HIS A 70 -10.93 2.56 -3.51
CA HIS A 70 -9.48 2.79 -3.24
C HIS A 70 -9.12 4.22 -3.67
N GLY A 71 -10.14 5.09 -3.78
CA GLY A 71 -10.01 6.56 -3.88
C GLY A 71 -9.78 7.05 -5.30
N ASP A 72 -10.42 6.44 -6.31
CA ASP A 72 -10.40 6.92 -7.72
C ASP A 72 -11.77 6.77 -8.38
N GLY A 73 -12.77 6.22 -7.69
CA GLY A 73 -14.17 6.14 -8.17
C GLY A 73 -14.38 5.01 -9.14
N TYR A 74 -13.36 4.16 -9.31
CA TYR A 74 -13.43 2.88 -10.06
C TYR A 74 -13.22 1.74 -9.07
N PRO A 75 -14.21 1.42 -8.22
CA PRO A 75 -14.05 0.39 -7.20
C PRO A 75 -13.68 -0.98 -7.77
N PHE A 76 -12.91 -1.76 -6.98
CA PHE A 76 -12.65 -3.20 -7.22
C PHE A 76 -13.75 -4.00 -6.56
N ASP A 77 -13.76 -5.32 -6.68
CA ASP A 77 -15.00 -6.14 -6.52
C ASP A 77 -14.72 -7.43 -5.77
N GLY A 78 -13.73 -7.45 -4.87
CA GLY A 78 -13.36 -8.66 -4.12
C GLY A 78 -12.63 -9.66 -5.00
N LYS A 79 -12.69 -10.94 -4.60
CA LYS A 79 -11.98 -12.08 -5.22
C LYS A 79 -12.48 -12.26 -6.66
N ASP A 80 -11.55 -12.35 -7.61
CA ASP A 80 -11.80 -12.54 -9.06
C ASP A 80 -12.43 -11.26 -9.65
N GLY A 81 -13.15 -11.40 -10.77
CA GLY A 81 -13.74 -10.28 -11.55
C GLY A 81 -12.63 -9.33 -11.96
N LEU A 82 -12.69 -8.08 -11.51
CA LEU A 82 -11.58 -7.13 -11.79
C LEU A 82 -10.36 -7.59 -11.02
N LEU A 83 -9.25 -7.80 -11.71
CA LEU A 83 -7.94 -8.14 -11.11
C LEU A 83 -7.18 -6.86 -10.84
N ALA A 84 -7.39 -5.87 -11.70
CA ALA A 84 -6.50 -4.69 -11.84
C ALA A 84 -7.09 -3.75 -12.87
N HIS A 85 -6.51 -2.57 -13.00
CA HIS A 85 -6.84 -1.62 -14.09
C HIS A 85 -5.71 -0.61 -14.27
N ALA A 86 -5.69 0.05 -15.43
CA ALA A 86 -4.75 1.13 -15.78
C ALA A 86 -5.54 2.22 -16.53
N PHE A 87 -5.05 3.45 -16.46
CA PHE A 87 -5.60 4.65 -17.15
C PHE A 87 -4.71 4.89 -18.38
N ALA A 88 -5.29 5.39 -19.48
CA ALA A 88 -4.55 5.74 -20.72
C ALA A 88 -3.53 6.83 -20.39
N PRO A 89 -2.44 6.93 -21.16
CA PRO A 89 -1.45 7.99 -20.95
C PRO A 89 -2.14 9.34 -20.74
N GLY A 90 -1.55 10.14 -19.86
CA GLY A 90 -2.06 11.46 -19.45
C GLY A 90 -1.34 11.97 -18.21
N THR A 91 -1.63 13.20 -17.82
CA THR A 91 -1.21 13.81 -16.55
C THR A 91 -2.02 13.14 -15.43
N GLY A 92 -1.48 13.15 -14.21
CA GLY A 92 -2.17 12.66 -13.00
C GLY A 92 -2.51 11.19 -13.11
N VAL A 93 -3.80 10.87 -12.95
CA VAL A 93 -4.30 9.47 -13.00
C VAL A 93 -3.77 8.77 -14.26
N GLY A 94 -3.31 9.51 -15.27
CA GLY A 94 -2.97 8.95 -16.59
C GLY A 94 -1.83 7.95 -16.51
N GLY A 95 -2.12 6.66 -16.73
CA GLY A 95 -1.10 5.60 -16.81
C GLY A 95 -0.88 4.94 -15.46
N ASP A 96 -1.61 5.36 -14.42
CA ASP A 96 -1.58 4.81 -13.04
C ASP A 96 -2.22 3.43 -13.08
N SER A 97 -1.53 2.40 -12.56
CA SER A 97 -1.95 0.98 -12.58
C SER A 97 -2.15 0.54 -11.13
N HIS A 98 -3.34 -0.02 -10.86
CA HIS A 98 -3.81 -0.52 -9.54
C HIS A 98 -4.16 -2.02 -9.67
N PHE A 99 -3.81 -2.80 -8.65
CA PHE A 99 -4.06 -4.26 -8.57
C PHE A 99 -4.92 -4.53 -7.34
N ASP A 100 -5.99 -5.30 -7.52
CA ASP A 100 -6.97 -5.70 -6.48
C ASP A 100 -6.31 -6.67 -5.48
N ASP A 101 -6.15 -6.27 -4.22
CA ASP A 101 -5.46 -7.11 -3.20
C ASP A 101 -6.46 -8.13 -2.62
N ASP A 102 -7.70 -8.21 -3.13
CA ASP A 102 -8.59 -9.36 -2.81
C ASP A 102 -8.23 -10.51 -3.76
N GLU A 103 -7.33 -10.31 -4.71
CA GLU A 103 -6.80 -11.42 -5.54
C GLU A 103 -5.64 -12.07 -4.80
N LEU A 104 -5.42 -13.35 -5.04
CA LEU A 104 -4.14 -14.03 -4.65
C LEU A 104 -3.10 -13.80 -5.75
N TRP A 105 -2.12 -12.96 -5.46
CA TRP A 105 -0.99 -12.71 -6.39
C TRP A 105 0.09 -13.76 -6.22
N THR A 106 0.49 -14.38 -7.31
CA THR A 106 1.50 -15.46 -7.35
C THR A 106 2.45 -15.16 -8.51
N LEU A 107 3.47 -16.00 -8.70
CA LEU A 107 4.31 -16.13 -9.92
C LEU A 107 4.57 -17.62 -10.14
N GLY A 108 4.76 -18.02 -11.40
CA GLY A 108 5.26 -19.35 -11.79
C GLY A 108 4.28 -20.47 -11.45
N LYS A 109 3.00 -20.17 -11.26
CA LYS A 109 1.95 -21.16 -10.90
C LYS A 109 0.68 -20.86 -11.71
N GLY A 110 -0.07 -21.92 -12.04
CA GLY A 110 -1.44 -21.84 -12.56
C GLY A 110 -2.46 -21.41 -11.52
N VAL A 111 -2.13 -21.45 -10.22
CA VAL A 111 -3.07 -21.03 -9.13
C VAL A 111 -2.87 -19.53 -8.82
N GLY A 112 -3.96 -18.80 -8.53
CA GLY A 112 -3.99 -17.34 -8.31
C GLY A 112 -3.71 -16.59 -9.60
N TYR A 113 -3.10 -15.40 -9.56
CA TYR A 113 -2.79 -14.60 -10.77
C TYR A 113 -1.36 -14.08 -10.71
N SER A 114 -0.60 -14.27 -11.80
CA SER A 114 0.79 -13.80 -11.98
C SER A 114 0.79 -12.29 -11.93
N LEU A 115 1.49 -11.71 -10.96
CA LEU A 115 1.61 -10.24 -10.89
C LEU A 115 2.28 -9.73 -12.18
N PHE A 116 3.30 -10.45 -12.64
CA PHE A 116 4.10 -10.09 -13.83
C PHE A 116 3.21 -10.01 -15.09
N LEU A 117 2.36 -11.02 -15.34
CA LEU A 117 1.47 -11.05 -16.55
C LEU A 117 0.43 -9.94 -16.48
N VAL A 118 -0.27 -9.83 -15.36
CA VAL A 118 -1.36 -8.82 -15.20
C VAL A 118 -0.73 -7.43 -15.35
N ALA A 119 0.40 -7.19 -14.67
CA ALA A 119 1.22 -5.94 -14.76
C ALA A 119 1.62 -5.65 -16.23
N ALA A 120 2.27 -6.59 -16.91
CA ALA A 120 2.54 -6.51 -18.36
C ALA A 120 1.26 -6.10 -19.10
N HIS A 121 0.18 -6.87 -18.92
CA HIS A 121 -1.15 -6.55 -19.51
C HIS A 121 -1.56 -5.11 -19.18
N ALA A 122 -1.64 -4.78 -17.87
CA ALA A 122 -2.07 -3.46 -17.33
C ALA A 122 -1.22 -2.33 -17.92
N PHE A 123 0.09 -2.56 -18.03
CA PHE A 123 1.07 -1.55 -18.49
C PHE A 123 0.83 -1.29 -19.98
N GLY A 124 0.41 -2.32 -20.72
CA GLY A 124 -0.13 -2.11 -22.08
C GLY A 124 -1.12 -0.96 -22.11
N HIS A 125 -2.11 -0.99 -21.22
CA HIS A 125 -3.19 0.04 -21.11
C HIS A 125 -2.57 1.39 -20.76
N ALA A 126 -1.58 1.37 -19.90
CA ALA A 126 -0.88 2.58 -19.40
C ALA A 126 -0.02 3.20 -20.51
N MET A 127 0.34 2.45 -21.56
CA MET A 127 1.04 2.96 -22.77
C MET A 127 0.04 3.43 -23.84
N GLY A 128 -1.25 3.14 -23.67
CA GLY A 128 -2.30 3.52 -24.62
C GLY A 128 -2.73 2.37 -25.52
N LEU A 129 -2.46 1.11 -25.15
CA LEU A 129 -3.02 -0.06 -25.86
C LEU A 129 -4.35 -0.49 -25.21
N GLU A 130 -5.39 -0.70 -26.05
CA GLU A 130 -6.67 -1.34 -25.66
C GLU A 130 -6.57 -2.83 -25.91
N HIS A 131 -7.62 -3.58 -25.60
CA HIS A 131 -7.69 -5.03 -25.87
C HIS A 131 -7.59 -5.29 -27.38
N SER A 132 -7.16 -6.52 -27.69
CA SER A 132 -6.94 -7.02 -29.05
C SER A 132 -7.75 -8.31 -29.25
N GLN A 133 -8.01 -8.64 -30.52
CA GLN A 133 -8.84 -9.79 -30.97
C GLN A 133 -8.00 -11.08 -31.01
N ASP A 134 -6.68 -11.02 -31.14
CA ASP A 134 -5.81 -12.23 -31.16
C ASP A 134 -5.84 -12.88 -29.78
N PRO A 135 -6.19 -14.17 -29.67
CA PRO A 135 -6.43 -14.80 -28.36
C PRO A 135 -5.09 -15.05 -27.63
N GLY A 136 -3.99 -15.12 -28.40
CA GLY A 136 -2.61 -15.29 -27.93
C GLY A 136 -1.95 -13.98 -27.50
N ALA A 137 -2.54 -12.80 -27.74
CA ALA A 137 -1.96 -11.48 -27.42
C ALA A 137 -2.04 -11.19 -25.90
N LEU A 138 -1.08 -10.41 -25.40
CA LEU A 138 -0.99 -9.99 -23.98
C LEU A 138 -2.13 -9.01 -23.68
N MET A 139 -2.60 -8.30 -24.71
CA MET A 139 -3.72 -7.34 -24.56
C MET A 139 -5.04 -8.05 -24.86
N ALA A 140 -5.07 -9.38 -24.82
CA ALA A 140 -6.32 -10.18 -24.74
C ALA A 140 -7.16 -9.67 -23.58
N PRO A 141 -8.51 -9.61 -23.71
CA PRO A 141 -9.35 -9.14 -22.62
C PRO A 141 -9.48 -10.18 -21.49
N ILE A 142 -8.71 -11.27 -21.59
CA ILE A 142 -8.80 -12.46 -20.68
C ILE A 142 -7.42 -12.65 -20.08
N TYR A 143 -7.32 -12.95 -18.79
CA TYR A 143 -6.06 -13.47 -18.19
C TYR A 143 -5.83 -14.91 -18.63
N THR A 144 -4.61 -15.27 -18.98
CA THR A 144 -4.20 -16.68 -19.25
C THR A 144 -2.79 -16.85 -18.70
N TYR A 145 -2.58 -17.84 -17.84
CA TYR A 145 -1.21 -18.24 -17.41
C TYR A 145 -0.50 -19.02 -18.52
N THR A 146 0.79 -18.73 -18.71
CA THR A 146 1.79 -19.58 -19.41
C THR A 146 3.11 -19.45 -18.63
N LYS A 147 3.78 -20.58 -18.43
CA LYS A 147 5.13 -20.67 -17.81
C LYS A 147 6.14 -19.81 -18.58
N ASN A 148 6.08 -19.78 -19.92
CA ASN A 148 7.17 -19.21 -20.76
C ASN A 148 6.60 -18.20 -21.76
N PHE A 149 6.68 -16.93 -21.40
CA PHE A 149 5.90 -15.84 -22.02
C PHE A 149 6.75 -15.12 -23.06
N ARG A 150 6.15 -14.79 -24.22
CA ARG A 150 6.74 -13.94 -25.31
C ARG A 150 5.66 -13.00 -25.86
N LEU A 151 5.93 -11.67 -25.85
CA LEU A 151 5.14 -10.62 -26.58
C LEU A 151 4.81 -11.07 -28.03
N SER A 152 3.52 -11.17 -28.36
CA SER A 152 3.02 -11.55 -29.70
C SER A 152 3.29 -10.39 -30.67
N GLN A 153 3.41 -10.72 -31.96
CA GLN A 153 3.55 -9.77 -33.09
C GLN A 153 2.49 -8.67 -33.00
N ASP A 154 1.29 -9.05 -32.56
CA ASP A 154 0.12 -8.12 -32.46
C ASP A 154 0.47 -6.99 -31.48
N ASP A 155 1.02 -7.36 -30.31
CA ASP A 155 1.33 -6.40 -29.20
C ASP A 155 2.55 -5.59 -29.60
N ILE A 156 3.49 -6.19 -30.33
CA ILE A 156 4.73 -5.48 -30.76
C ILE A 156 4.34 -4.39 -31.76
N LYS A 157 3.62 -4.74 -32.83
CA LYS A 157 3.27 -3.78 -33.92
C LYS A 157 2.39 -2.66 -33.34
N GLY A 158 1.56 -2.97 -32.35
CA GLY A 158 0.63 -2.01 -31.72
C GLY A 158 1.38 -0.95 -30.94
N ILE A 159 2.32 -1.38 -30.10
CA ILE A 159 3.13 -0.47 -29.26
C ILE A 159 4.12 0.31 -30.16
N GLN A 160 4.67 -0.37 -31.19
CA GLN A 160 5.63 0.25 -32.14
C GLN A 160 4.87 1.23 -33.02
N GLU A 161 3.59 1.00 -33.29
CA GLU A 161 2.75 1.97 -34.04
C GLU A 161 2.83 3.31 -33.31
N LEU A 162 2.65 3.30 -31.99
CA LEU A 162 2.65 4.52 -31.13
C LEU A 162 4.08 5.10 -30.95
N TYR A 163 5.08 4.28 -30.62
CA TYR A 163 6.37 4.74 -30.03
C TYR A 163 7.60 4.31 -30.86
N GLY A 164 7.41 3.55 -31.93
CA GLY A 164 8.52 3.09 -32.78
C GLY A 164 9.18 1.89 -32.17
N ALA A 165 10.03 1.17 -32.91
CA ALA A 165 10.67 -0.10 -32.50
C ALA A 165 11.91 0.18 -31.65
N SER A 166 12.59 -0.89 -31.21
CA SER A 166 13.84 -0.81 -30.41
C SER A 166 14.93 -0.14 -31.25
N PRO A 167 15.52 1.00 -30.79
CA PRO A 167 16.70 1.55 -31.45
C PRO A 167 17.99 0.83 -31.04
N ASP A 168 18.08 0.29 -29.82
CA ASP A 168 19.27 -0.44 -29.26
C ASP A 168 19.27 -1.89 -29.79
N TYR B 2 -7.32 4.12 33.18
CA TYR B 2 -6.92 3.24 32.02
C TYR B 2 -7.84 2.01 31.92
N ASN B 3 -7.87 1.39 30.73
CA ASN B 3 -8.73 0.23 30.36
C ASN B 3 -8.01 -0.70 29.37
N PHE B 4 -8.44 -1.97 29.31
CA PHE B 4 -7.92 -3.02 28.40
C PHE B 4 -9.08 -3.66 27.62
N PHE B 5 -8.78 -4.58 26.70
CA PHE B 5 -9.77 -5.32 25.90
C PHE B 5 -10.34 -6.46 26.74
N PRO B 6 -11.52 -7.01 26.38
CA PRO B 6 -12.15 -8.07 27.15
C PRO B 6 -11.21 -9.07 27.85
N ARG B 7 -10.35 -9.72 27.08
CA ARG B 7 -9.62 -10.95 27.50
C ARG B 7 -8.23 -10.58 28.01
N LYS B 8 -8.03 -9.30 28.35
CA LYS B 8 -6.74 -8.66 28.69
C LYS B 8 -5.66 -9.07 27.68
N PRO B 9 -5.88 -9.02 26.35
CA PRO B 9 -4.96 -9.63 25.39
C PRO B 9 -3.72 -8.72 25.29
N LYS B 10 -2.56 -9.35 25.24
CA LYS B 10 -1.23 -8.68 25.30
C LYS B 10 -0.30 -9.49 24.41
N TRP B 11 0.79 -8.87 23.95
CA TRP B 11 1.93 -9.58 23.32
C TRP B 11 2.63 -10.43 24.38
N ASP B 12 3.09 -11.64 24.05
CA ASP B 12 3.70 -12.61 25.02
C ASP B 12 5.22 -12.61 24.85
N LYS B 13 5.77 -11.48 24.41
CA LYS B 13 7.22 -11.30 24.13
C LYS B 13 7.43 -9.81 24.00
N ASN B 14 8.66 -9.34 24.15
CA ASN B 14 8.96 -7.88 24.15
C ASN B 14 9.47 -7.43 22.79
N GLN B 15 10.09 -8.31 21.99
CA GLN B 15 10.63 -7.97 20.65
C GLN B 15 9.48 -8.01 19.65
N ILE B 16 8.98 -6.86 19.22
CA ILE B 16 7.74 -6.78 18.38
C ILE B 16 8.14 -6.28 16.99
N THR B 17 7.58 -6.91 15.99
CA THR B 17 7.97 -6.80 14.58
C THR B 17 6.89 -5.98 13.82
N TYR B 18 7.28 -4.99 13.02
CA TYR B 18 6.30 -4.27 12.16
C TYR B 18 6.79 -4.15 10.73
N ARG B 19 5.81 -4.11 9.82
CA ARG B 19 6.06 -3.87 8.39
C ARG B 19 5.05 -2.86 7.83
N ILE B 20 5.57 -1.79 7.23
CA ILE B 20 4.76 -0.83 6.44
C ILE B 20 4.59 -1.38 5.01
N ILE B 21 3.38 -1.84 4.70
CA ILE B 21 2.98 -2.59 3.46
C ILE B 21 2.85 -1.61 2.30
N GLY B 22 2.03 -0.57 2.49
CA GLY B 22 1.89 0.58 1.58
C GLY B 22 2.06 1.90 2.33
N TYR B 23 2.47 2.93 1.62
CA TYR B 23 2.70 4.30 2.15
C TYR B 23 1.55 5.24 1.77
N THR B 24 1.61 6.47 2.28
CA THR B 24 0.79 7.61 1.82
C THR B 24 1.69 8.46 0.91
N PRO B 25 1.18 8.95 -0.24
CA PRO B 25 1.90 9.95 -1.03
C PRO B 25 2.08 11.30 -0.30
N ASP B 26 1.29 11.53 0.77
CA ASP B 26 1.21 12.83 1.50
C ASP B 26 2.54 13.16 2.18
N LEU B 27 3.37 12.16 2.49
CA LEU B 27 4.68 12.34 3.17
C LEU B 27 5.68 11.41 2.51
N ALA B 28 6.97 11.64 2.71
CA ALA B 28 8.04 10.82 2.11
C ALA B 28 8.10 9.48 2.85
N PRO B 29 8.34 8.35 2.15
CA PRO B 29 8.52 7.06 2.82
C PRO B 29 9.47 7.14 4.03
N GLU B 30 10.64 7.75 3.85
CA GLU B 30 11.66 7.99 4.91
C GLU B 30 11.02 8.72 6.11
N THR B 31 10.15 9.71 5.84
CA THR B 31 9.46 10.55 6.87
C THR B 31 8.35 9.75 7.54
N VAL B 32 7.68 8.90 6.77
CA VAL B 32 6.58 8.03 7.26
C VAL B 32 7.18 7.03 8.24
N ASP B 33 8.27 6.37 7.84
CA ASP B 33 9.03 5.37 8.64
C ASP B 33 9.39 6.01 9.98
N ASP B 34 9.95 7.22 9.93
CA ASP B 34 10.45 7.99 11.10
C ASP B 34 9.27 8.34 12.00
N ALA B 35 8.12 8.66 11.43
CA ALA B 35 6.91 9.01 12.21
C ALA B 35 6.46 7.78 13.01
N PHE B 36 6.43 6.62 12.33
CA PHE B 36 6.04 5.30 12.92
C PHE B 36 7.09 4.88 13.96
N ALA B 37 8.37 5.10 13.71
CA ALA B 37 9.47 4.74 14.62
C ALA B 37 9.31 5.53 15.92
N ARG B 38 9.19 6.84 15.80
CA ARG B 38 8.97 7.78 16.94
C ARG B 38 7.71 7.35 17.69
N ALA B 39 6.65 6.97 16.97
CA ALA B 39 5.32 6.67 17.56
C ALA B 39 5.42 5.45 18.48
N PHE B 40 6.22 4.45 18.07
CA PHE B 40 6.52 3.22 18.85
C PHE B 40 7.42 3.57 20.04
N GLN B 41 8.39 4.47 19.84
CA GLN B 41 9.39 4.94 20.84
C GLN B 41 8.70 5.53 22.09
N VAL B 42 7.57 6.22 21.94
CA VAL B 42 6.88 6.83 23.11
C VAL B 42 6.41 5.71 24.04
N TRP B 43 6.16 4.51 23.51
CA TRP B 43 5.73 3.32 24.28
C TRP B 43 6.95 2.52 24.76
N SER B 44 8.08 2.61 24.06
CA SER B 44 9.31 1.87 24.41
C SER B 44 10.03 2.59 25.55
N ASP B 45 9.83 3.91 25.64
CA ASP B 45 10.39 4.80 26.69
C ASP B 45 10.06 4.25 28.09
N VAL B 46 8.90 3.60 28.25
CA VAL B 46 8.29 3.26 29.57
C VAL B 46 7.94 1.76 29.68
N THR B 47 8.37 0.93 28.74
CA THR B 47 8.16 -0.55 28.80
C THR B 47 9.43 -1.24 28.30
N PRO B 48 9.54 -2.58 28.46
CA PRO B 48 10.60 -3.36 27.82
C PRO B 48 10.32 -3.74 26.35
N LEU B 49 9.20 -3.23 25.80
CA LEU B 49 8.76 -3.50 24.40
C LEU B 49 9.75 -2.82 23.46
N ARG B 50 10.20 -3.56 22.44
CA ARG B 50 11.27 -3.16 21.50
C ARG B 50 10.74 -3.45 20.09
N PHE B 51 10.74 -2.45 19.22
CA PHE B 51 10.02 -2.45 17.91
C PHE B 51 11.02 -2.43 16.76
N SER B 52 10.79 -3.28 15.76
CA SER B 52 11.69 -3.47 14.61
C SER B 52 10.93 -3.35 13.29
N ARG B 53 11.30 -2.41 12.43
CA ARG B 53 10.76 -2.40 11.05
C ARG B 53 11.47 -3.54 10.29
N ILE B 54 10.71 -4.44 9.65
CA ILE B 54 11.27 -5.60 8.89
C ILE B 54 11.01 -5.45 7.40
N TYR B 55 11.73 -6.22 6.56
CA TYR B 55 11.64 -6.18 5.08
C TYR B 55 10.95 -7.45 4.59
N ASP B 56 11.57 -8.60 4.84
CA ASP B 56 11.08 -9.92 4.37
C ASP B 56 10.41 -10.63 5.54
N GLY B 57 9.61 -11.65 5.27
CA GLY B 57 8.95 -12.48 6.30
C GLY B 57 7.71 -11.81 6.87
N GLU B 58 7.06 -12.48 7.83
CA GLU B 58 5.73 -12.09 8.37
C GLU B 58 5.97 -11.36 9.68
N ALA B 59 5.24 -10.28 9.89
CA ALA B 59 5.38 -9.37 11.05
C ALA B 59 4.14 -9.47 11.93
N ASP B 60 4.34 -9.34 13.23
CA ASP B 60 3.30 -9.04 14.25
C ASP B 60 2.37 -7.94 13.76
N ILE B 61 2.91 -6.76 13.45
CA ILE B 61 2.09 -5.56 13.13
C ILE B 61 2.31 -5.16 11.66
N MET B 62 1.42 -5.64 10.80
CA MET B 62 1.20 -5.16 9.41
C MET B 62 0.56 -3.78 9.51
N ILE B 63 1.31 -2.76 9.10
CA ILE B 63 0.87 -1.35 9.00
C ILE B 63 0.50 -1.09 7.53
N ASN B 64 -0.58 -0.34 7.30
CA ASN B 64 -1.00 0.01 5.92
C ASN B 64 -1.94 1.21 5.92
N PHE B 65 -2.01 1.89 4.78
CA PHE B 65 -3.05 2.88 4.43
C PHE B 65 -4.09 2.20 3.51
N GLY B 66 -5.38 2.48 3.76
CA GLY B 66 -6.51 2.06 2.91
C GLY B 66 -7.73 2.95 3.03
N ARG B 67 -8.65 2.83 2.07
CA ARG B 67 -9.91 3.60 2.09
C ARG B 67 -11.09 2.63 1.99
N TRP B 68 -12.19 3.02 2.65
CA TRP B 68 -13.54 2.41 2.58
C TRP B 68 -13.42 0.95 3.01
N GLU B 69 -14.03 0.00 2.30
CA GLU B 69 -13.73 -1.44 2.54
C GLU B 69 -12.31 -1.69 2.00
N HIS B 70 -11.42 -2.05 2.92
CA HIS B 70 -9.99 -2.32 2.67
C HIS B 70 -9.64 -3.71 3.21
N GLY B 71 -10.61 -4.59 3.48
CA GLY B 71 -10.38 -6.05 3.56
C GLY B 71 -10.44 -6.64 4.98
N ASP B 72 -10.82 -5.86 6.00
CA ASP B 72 -10.93 -6.34 7.40
C ASP B 72 -12.34 -6.17 7.94
N GLY B 73 -13.32 -5.81 7.09
CA GLY B 73 -14.75 -5.83 7.47
C GLY B 73 -15.08 -4.76 8.49
N TYR B 74 -14.15 -3.84 8.75
CA TYR B 74 -14.37 -2.56 9.46
C TYR B 74 -14.05 -1.46 8.46
N PRO B 75 -15.01 -1.11 7.58
CA PRO B 75 -14.82 -0.07 6.58
C PRO B 75 -14.39 1.26 7.22
N PHE B 76 -13.54 2.03 6.55
CA PHE B 76 -13.35 3.48 6.79
C PHE B 76 -14.44 4.25 6.05
N ASP B 77 -14.35 5.58 6.01
CA ASP B 77 -15.57 6.43 5.84
C ASP B 77 -15.23 7.78 5.20
N GLY B 78 -14.17 7.87 4.41
CA GLY B 78 -13.77 9.10 3.68
C GLY B 78 -13.00 10.08 4.57
N LYS B 79 -12.86 11.33 4.14
CA LYS B 79 -12.27 12.45 4.93
C LYS B 79 -13.00 12.54 6.29
N ASP B 80 -12.22 12.80 7.36
CA ASP B 80 -12.61 12.84 8.81
C ASP B 80 -13.40 11.57 9.18
N GLY B 81 -14.27 11.61 10.20
CA GLY B 81 -14.85 10.40 10.83
C GLY B 81 -13.75 9.55 11.45
N LEU B 82 -13.79 8.23 11.25
CA LEU B 82 -12.64 7.31 11.55
C LEU B 82 -11.36 7.84 10.88
N LEU B 83 -10.26 8.03 11.63
CA LEU B 83 -8.94 8.50 11.12
C LEU B 83 -8.00 7.32 10.83
N ALA B 84 -8.21 6.19 11.52
CA ALA B 84 -7.36 4.97 11.55
C ALA B 84 -7.95 3.99 12.56
N HIS B 85 -7.37 2.81 12.68
CA HIS B 85 -7.80 1.77 13.66
C HIS B 85 -6.73 0.68 13.79
N ALA B 86 -6.85 -0.15 14.80
CA ALA B 86 -5.82 -1.13 15.20
C ALA B 86 -6.51 -2.29 15.89
N PHE B 87 -5.99 -3.48 15.69
CA PHE B 87 -6.48 -4.72 16.34
C PHE B 87 -5.71 -4.91 17.66
N ALA B 88 -6.37 -5.50 18.65
CA ALA B 88 -5.74 -5.95 19.90
C ALA B 88 -4.68 -6.98 19.55
N PRO B 89 -3.60 -7.09 20.35
CA PRO B 89 -2.58 -8.11 20.15
C PRO B 89 -3.15 -9.50 19.88
N GLY B 90 -2.51 -10.23 18.99
CA GLY B 90 -2.98 -11.53 18.48
C GLY B 90 -2.20 -11.98 17.25
N THR B 91 -2.53 -13.17 16.75
CA THR B 91 -2.05 -13.73 15.48
C THR B 91 -2.81 -13.07 14.33
N GLY B 92 -2.39 -13.31 13.07
CA GLY B 92 -2.98 -12.69 11.87
C GLY B 92 -3.23 -11.20 12.02
N VAL B 93 -4.50 -10.80 12.00
CA VAL B 93 -4.90 -9.36 12.04
C VAL B 93 -4.53 -8.74 13.40
N GLY B 94 -4.24 -9.55 14.44
CA GLY B 94 -3.89 -9.04 15.78
C GLY B 94 -2.78 -8.02 15.75
N GLY B 95 -3.06 -6.80 16.16
CA GLY B 95 -2.03 -5.75 16.29
C GLY B 95 -1.95 -4.88 15.05
N ASP B 96 -2.62 -5.31 13.97
CA ASP B 96 -2.51 -4.66 12.64
C ASP B 96 -3.17 -3.29 12.72
N SER B 97 -2.42 -2.25 12.34
CA SER B 97 -2.81 -0.82 12.35
C SER B 97 -2.98 -0.31 10.92
N HIS B 98 -4.19 0.14 10.55
CA HIS B 98 -4.53 0.73 9.23
C HIS B 98 -4.87 2.20 9.41
N PHE B 99 -4.50 3.04 8.45
CA PHE B 99 -4.74 4.51 8.42
C PHE B 99 -5.59 4.87 7.22
N ASP B 100 -6.69 5.59 7.44
CA ASP B 100 -7.55 6.08 6.33
C ASP B 100 -6.75 7.06 5.46
N ASP B 101 -6.43 6.70 4.21
CA ASP B 101 -5.62 7.58 3.32
C ASP B 101 -6.52 8.68 2.71
N ASP B 102 -7.82 8.69 3.03
CA ASP B 102 -8.74 9.81 2.65
C ASP B 102 -8.45 11.02 3.53
N GLU B 103 -7.86 10.81 4.71
CA GLU B 103 -7.36 11.91 5.58
C GLU B 103 -6.06 12.44 4.98
N LEU B 104 -5.75 13.68 5.33
CA LEU B 104 -4.51 14.39 4.94
C LEU B 104 -3.50 14.12 6.07
N TRP B 105 -2.35 13.52 5.74
CA TRP B 105 -1.29 13.15 6.72
C TRP B 105 -0.18 14.20 6.67
N THR B 106 -0.02 14.90 7.81
CA THR B 106 0.94 16.02 8.03
C THR B 106 1.72 15.73 9.31
N LEU B 107 2.84 16.45 9.47
CA LEU B 107 3.62 16.49 10.75
C LEU B 107 3.85 17.94 11.17
N GLY B 108 3.56 18.25 12.45
CA GLY B 108 3.89 19.54 13.08
C GLY B 108 3.00 20.69 12.61
N LYS B 109 1.71 20.41 12.39
CA LYS B 109 0.69 21.37 11.93
C LYS B 109 -0.67 20.96 12.51
N GLY B 110 -1.56 21.94 12.76
CA GLY B 110 -2.96 21.71 13.10
C GLY B 110 -3.82 21.44 11.87
N VAL B 111 -3.28 21.63 10.65
CA VAL B 111 -3.93 21.29 9.34
C VAL B 111 -3.82 19.78 9.15
N GLY B 112 -4.92 19.15 8.71
CA GLY B 112 -5.01 17.68 8.61
C GLY B 112 -4.85 17.04 9.97
N TYR B 113 -4.10 15.94 10.02
CA TYR B 113 -3.90 15.08 11.21
C TYR B 113 -2.43 14.68 11.29
N SER B 114 -1.88 14.75 12.50
CA SER B 114 -0.52 14.26 12.85
C SER B 114 -0.52 12.73 12.69
N LEU B 115 0.31 12.21 11.79
CA LEU B 115 0.49 10.74 11.63
C LEU B 115 1.14 10.20 12.90
N PHE B 116 2.16 10.91 13.41
CA PHE B 116 2.87 10.62 14.69
C PHE B 116 1.81 10.39 15.79
N LEU B 117 0.94 11.38 16.02
CA LEU B 117 -0.05 11.30 17.13
C LEU B 117 -1.04 10.17 16.90
N VAL B 118 -1.60 10.01 15.69
CA VAL B 118 -2.68 9.02 15.42
C VAL B 118 -2.05 7.62 15.56
N ALA B 119 -0.85 7.45 15.01
CA ALA B 119 -0.07 6.18 15.08
C ALA B 119 0.09 5.79 16.56
N ALA B 120 0.74 6.66 17.33
CA ALA B 120 0.89 6.55 18.80
C ALA B 120 -0.43 6.11 19.43
N HIS B 121 -1.56 6.72 19.07
CA HIS B 121 -2.88 6.34 19.66
C HIS B 121 -3.20 4.88 19.29
N ALA B 122 -3.20 4.57 17.98
CA ALA B 122 -3.67 3.30 17.42
C ALA B 122 -2.77 2.16 17.90
N PHE B 123 -1.47 2.44 18.02
CA PHE B 123 -0.44 1.52 18.57
C PHE B 123 -0.80 1.16 20.02
N GLY B 124 -1.24 2.14 20.81
CA GLY B 124 -1.86 1.91 22.13
C GLY B 124 -2.84 0.75 22.08
N HIS B 125 -3.86 0.84 21.22
CA HIS B 125 -4.83 -0.27 20.98
C HIS B 125 -4.07 -1.54 20.58
N ALA B 126 -3.10 -1.43 19.68
CA ALA B 126 -2.35 -2.59 19.13
C ALA B 126 -1.47 -3.22 20.22
N MET B 127 -1.27 -2.53 21.35
CA MET B 127 -0.59 -3.10 22.55
C MET B 127 -1.60 -3.67 23.54
N GLY B 128 -2.91 -3.44 23.35
CA GLY B 128 -3.99 -4.05 24.14
C GLY B 128 -4.57 -3.09 25.19
N LEU B 129 -4.27 -1.80 25.05
CA LEU B 129 -4.93 -0.66 25.74
C LEU B 129 -6.26 -0.29 25.06
N GLU B 130 -7.31 -0.05 25.86
CA GLU B 130 -8.61 0.55 25.43
C GLU B 130 -8.55 2.06 25.69
N HIS B 131 -9.69 2.76 25.59
CA HIS B 131 -9.83 4.22 25.83
C HIS B 131 -9.85 4.49 27.35
N SER B 132 -9.42 5.68 27.79
CA SER B 132 -9.37 6.14 29.21
C SER B 132 -10.16 7.45 29.38
N GLN B 133 -10.39 7.89 30.62
CA GLN B 133 -11.22 9.08 30.96
C GLN B 133 -10.41 10.38 30.90
N ASP B 134 -9.10 10.32 31.15
CA ASP B 134 -8.22 11.51 31.31
C ASP B 134 -8.19 12.34 30.02
N PRO B 135 -8.72 13.59 30.04
CA PRO B 135 -8.84 14.41 28.82
C PRO B 135 -7.51 14.86 28.20
N GLY B 136 -6.38 14.69 28.90
CA GLY B 136 -5.03 14.97 28.37
C GLY B 136 -4.37 13.70 27.83
N ALA B 137 -5.02 12.54 28.00
CA ALA B 137 -4.47 11.20 27.69
C ALA B 137 -4.44 10.95 26.17
N LEU B 138 -3.35 10.33 25.70
CA LEU B 138 -3.18 9.80 24.32
C LEU B 138 -4.29 8.80 23.99
N MET B 139 -4.78 8.05 24.98
CA MET B 139 -5.76 6.95 24.77
C MET B 139 -7.18 7.39 25.11
N ALA B 140 -7.44 8.71 25.05
CA ALA B 140 -8.79 9.32 25.01
C ALA B 140 -9.39 9.10 23.61
N PRO B 141 -10.72 8.82 23.48
CA PRO B 141 -11.32 8.48 22.18
C PRO B 141 -11.54 9.65 21.20
N ILE B 142 -10.74 10.73 21.30
CA ILE B 142 -10.86 11.95 20.47
C ILE B 142 -9.45 12.46 20.18
N TYR B 143 -9.18 12.88 18.94
CA TYR B 143 -7.85 13.37 18.49
C TYR B 143 -7.68 14.82 18.91
N THR B 144 -6.50 15.22 19.40
CA THR B 144 -6.15 16.64 19.68
C THR B 144 -4.71 16.93 19.30
N TYR B 145 -4.46 18.02 18.59
CA TYR B 145 -3.08 18.41 18.20
C TYR B 145 -2.42 19.14 19.38
N THR B 146 -1.18 18.75 19.70
CA THR B 146 -0.32 19.33 20.77
C THR B 146 1.11 19.39 20.20
N LYS B 147 1.73 20.57 20.12
CA LYS B 147 3.01 20.79 19.37
C LYS B 147 4.15 20.01 20.02
N ASN B 148 4.12 19.90 21.36
CA ASN B 148 5.18 19.23 22.18
C ASN B 148 4.52 18.12 23.00
N PHE B 149 4.76 16.87 22.60
CA PHE B 149 4.01 15.69 23.15
C PHE B 149 4.80 15.05 24.30
N ARG B 150 4.08 14.68 25.35
CA ARG B 150 4.59 13.96 26.55
C ARG B 150 3.51 13.00 27.05
N LEU B 151 3.88 11.75 27.33
CA LEU B 151 2.95 10.67 27.76
C LEU B 151 2.40 11.02 29.14
N SER B 152 1.08 11.15 29.26
CA SER B 152 0.35 11.33 30.53
C SER B 152 0.66 10.14 31.46
N GLN B 153 0.62 10.37 32.77
CA GLN B 153 0.85 9.34 33.81
C GLN B 153 -0.18 8.20 33.67
N ASP B 154 -1.43 8.46 33.24
CA ASP B 154 -2.47 7.41 33.13
C ASP B 154 -2.10 6.47 31.98
N ASP B 155 -1.48 7.01 30.92
CA ASP B 155 -1.01 6.26 29.72
C ASP B 155 0.17 5.37 30.15
N ILE B 156 1.14 5.98 30.83
CA ILE B 156 2.33 5.30 31.42
C ILE B 156 1.87 4.16 32.33
N LYS B 157 0.83 4.37 33.14
CA LYS B 157 0.33 3.38 34.14
C LYS B 157 -0.34 2.20 33.43
N GLY B 158 -1.14 2.49 32.42
CA GLY B 158 -1.94 1.46 31.72
C GLY B 158 -1.05 0.46 31.02
N ILE B 159 -0.02 0.99 30.35
CA ILE B 159 0.92 0.17 29.54
C ILE B 159 1.80 -0.65 30.49
N GLN B 160 2.30 -0.04 31.57
CA GLN B 160 3.17 -0.70 32.59
C GLN B 160 2.38 -1.80 33.31
N GLU B 161 1.06 -1.71 33.37
CA GLU B 161 0.22 -2.73 34.07
C GLU B 161 0.18 -4.00 33.21
N LEU B 162 0.52 -3.89 31.93
CA LEU B 162 0.47 -5.01 30.95
C LEU B 162 1.87 -5.57 30.64
N TYR B 163 2.92 -4.74 30.70
CA TYR B 163 4.27 -5.10 30.16
C TYR B 163 5.41 -4.79 31.16
N GLY B 164 5.12 -4.15 32.28
CA GLY B 164 6.16 -3.74 33.25
C GLY B 164 6.83 -2.45 32.79
N ALA B 165 7.57 -1.79 33.69
CA ALA B 165 8.29 -0.53 33.39
C ALA B 165 9.56 -0.87 32.63
N SER B 166 10.24 0.13 32.09
CA SER B 166 11.47 -0.02 31.29
C SER B 166 12.56 -0.65 32.16
N PRO B 167 13.26 -1.69 31.66
CA PRO B 167 14.42 -2.24 32.36
C PRO B 167 15.67 -1.36 32.22
N ASP B 168 15.72 -0.50 31.18
CA ASP B 168 16.71 0.60 31.04
C ASP B 168 16.30 1.75 31.98
#